data_4ODT
#
_entry.id   4ODT
#
_cell.length_a   77.471
_cell.length_b   77.471
_cell.length_c   156.205
_cell.angle_alpha   90.00
_cell.angle_beta   90.00
_cell.angle_gamma   90.00
#
_symmetry.space_group_name_H-M   'P 43 21 2'
#
loop_
_entity.id
_entity.type
_entity.pdbx_description
1 polymer 'S1-15 Fab (IgG2b) heavy chain'
2 polymer 'S1-15 Fab (IgG2b kappa) light chain'
3 branched 2-amino-2-deoxy-4-O-phosphono-beta-D-glucopyranose-(1-6)-2-amino-2-deoxy-1-O-phosphono-alpha-D-glucopyranose
4 non-polymer 2-(2-METHOXYETHOXY)ETHANOL
5 water water
#
loop_
_entity_poly.entity_id
_entity_poly.type
_entity_poly.pdbx_seq_one_letter_code
_entity_poly.pdbx_strand_id
1 'polypeptide(L)'
;EVQLVESGGGLVQPKGSLKLSCAASGFTFNTYAMNWVRQAPGKGLEWVARIRSKSNNYATYYADSVKDRFTISRDDSQSM
LYLQMNNLKTEDTAMYYCVRHRGAPLYYGNGAWFAYWGQGTLVTVSAAKTTPPSVYPLAPGCGDTTGSSVTSGCLVKGYF
PESVTVTWNSGSLSSSVHTFPALLQSGLYTMSSSVTVPSSTWPSETVTCSVAHPASSTTVDKKLEP
;
H
2 'polypeptide(L)'
;DIQMTQSTSSLSASLGDRVTISCRASQDISNYLNWYQQKPDGTVKVLIYYTSRLRSGVPSRFSGSGSGTDYSLTISNLEQ
EDIATYFCQQGNTLPWTFGGGTKLEIKRADAAPTVSIFPPSSEQLTSGGASVVCFLNNFYPKDINVKWKIDGSERQNGVL
NSWTDQDSKDSTYSMSSTLTLTKDEYERHNSYTCEATHKTSTSPIVKSFNRNEC
;
L
#
loop_
_chem_comp.id
_chem_comp.type
_chem_comp.name
_chem_comp.formula
GP1 D-saccharide 2-amino-2-deoxy-1-O-phosphono-alpha-D-glucopyranose 'C6 H14 N O8 P'
PG0 non-polymer 2-(2-METHOXYETHOXY)ETHANOL 'C5 H12 O3'
Z9M D-saccharide, beta linking 2-amino-2-deoxy-4-O-phosphono-beta-D-glucopyranose 'C6 H14 N O8 P'
#
# COMPACT_ATOMS: atom_id res chain seq x y z
N GLU A 1 10.46 -19.79 -2.03
CA GLU A 1 10.09 -21.22 -2.25
C GLU A 1 8.57 -21.35 -2.39
N VAL A 2 7.85 -21.18 -1.29
CA VAL A 2 6.40 -21.19 -1.30
C VAL A 2 5.91 -20.01 -2.08
N GLN A 3 5.08 -20.26 -3.08
CA GLN A 3 4.42 -19.22 -3.86
C GLN A 3 2.89 -19.42 -3.80
N LEU A 4 2.16 -18.33 -3.62
CA LEU A 4 0.70 -18.34 -3.62
C LEU A 4 0.27 -17.14 -4.44
N VAL A 5 -0.19 -17.38 -5.66
CA VAL A 5 -0.46 -16.29 -6.59
C VAL A 5 -1.96 -16.15 -6.80
N GLU A 6 -2.51 -15.08 -6.23
CA GLU A 6 -3.95 -14.83 -6.30
C GLU A 6 -4.25 -14.13 -7.61
N SER A 7 -5.44 -14.37 -8.14
CA SER A 7 -5.95 -13.62 -9.30
C SER A 7 -7.46 -13.63 -9.25
N GLY A 8 -8.08 -12.80 -10.09
CA GLY A 8 -9.53 -12.79 -10.24
C GLY A 8 -10.20 -11.58 -9.63
N GLY A 9 -9.41 -10.78 -8.91
CA GLY A 9 -9.91 -9.58 -8.25
C GLY A 9 -10.30 -8.48 -9.22
N GLY A 10 -11.35 -7.75 -8.90
CA GLY A 10 -11.84 -6.72 -9.81
C GLY A 10 -13.00 -5.97 -9.20
N LEU A 11 -13.61 -5.14 -10.03
CA LEU A 11 -14.78 -4.37 -9.65
C LEU A 11 -16.02 -5.20 -9.87
N VAL A 12 -16.93 -5.18 -8.91
CA VAL A 12 -18.21 -5.86 -9.04
C VAL A 12 -19.27 -4.97 -8.36
N GLN A 13 -20.51 -5.02 -8.83
CA GLN A 13 -21.61 -4.24 -8.22
C GLN A 13 -22.20 -4.96 -7.01
N PRO A 14 -22.84 -4.21 -6.07
CA PRO A 14 -23.51 -4.87 -4.96
C PRO A 14 -24.45 -5.96 -5.44
N LYS A 15 -24.55 -7.02 -4.65
CA LYS A 15 -25.30 -8.24 -4.96
C LYS A 15 -24.69 -9.06 -6.11
N GLY A 16 -23.57 -8.60 -6.67
CA GLY A 16 -22.89 -9.36 -7.70
C GLY A 16 -22.03 -10.51 -7.17
N SER A 17 -21.36 -11.17 -8.11
CA SER A 17 -20.54 -12.33 -7.84
C SER A 17 -19.17 -12.23 -8.49
N LEU A 18 -18.24 -13.02 -7.96
CA LEU A 18 -16.86 -13.01 -8.44
C LEU A 18 -16.18 -14.23 -7.90
N LYS A 19 -15.30 -14.85 -8.69
CA LYS A 19 -14.53 -15.98 -8.22
C LYS A 19 -13.06 -15.61 -8.19
N LEU A 20 -12.43 -15.78 -7.02
CA LEU A 20 -10.98 -15.65 -6.92
C LEU A 20 -10.31 -16.99 -7.03
N SER A 21 -9.07 -16.96 -7.50
CA SER A 21 -8.22 -18.14 -7.64
C SER A 21 -6.89 -17.87 -6.98
N CYS A 22 -6.21 -18.94 -6.60
CA CYS A 22 -4.88 -18.87 -6.06
C CYS A 22 -4.13 -20.08 -6.56
N ALA A 23 -3.02 -19.82 -7.27
CA ALA A 23 -2.12 -20.86 -7.80
C ALA A 23 -1.00 -21.07 -6.79
N ALA A 24 -0.96 -22.26 -6.20
CA ALA A 24 0.05 -22.59 -5.21
C ALA A 24 1.19 -23.35 -5.86
N SER A 25 2.40 -23.14 -5.37
CA SER A 25 3.54 -23.97 -5.72
C SER A 25 4.62 -23.91 -4.65
N GLY A 26 5.56 -24.83 -4.73
CA GLY A 26 6.71 -24.89 -3.83
C GLY A 26 6.47 -25.62 -2.53
N PHE A 27 5.37 -26.36 -2.43
CA PHE A 27 5.12 -27.20 -1.27
C PHE A 27 4.13 -28.25 -1.68
N THR A 28 3.96 -29.26 -0.83
CA THR A 28 2.99 -30.30 -1.10
C THR A 28 1.57 -29.82 -0.75
N PHE A 29 0.90 -29.24 -1.75
CA PHE A 29 -0.40 -28.58 -1.57
C PHE A 29 -1.41 -29.46 -0.85
N ASN A 30 -1.57 -30.71 -1.28
CA ASN A 30 -2.66 -31.57 -0.82
C ASN A 30 -2.57 -32.03 0.64
N THR A 31 -1.46 -31.81 1.31
CA THR A 31 -1.34 -32.16 2.73
C THR A 31 -1.66 -31.00 3.68
N TYR A 32 -1.88 -29.78 3.15
CA TYR A 32 -2.12 -28.60 4.00
C TYR A 32 -3.54 -28.11 3.92
N ALA A 33 -4.02 -27.56 5.03
CA ALA A 33 -5.24 -26.75 5.00
C ALA A 33 -4.86 -25.39 4.40
N MET A 34 -5.85 -24.71 3.83
CA MET A 34 -5.65 -23.43 3.16
C MET A 34 -6.72 -22.45 3.66
N ASN A 35 -6.43 -21.15 3.57
CA ASN A 35 -7.37 -20.13 3.98
C ASN A 35 -7.41 -18.98 3.03
N TRP A 36 -8.48 -18.21 3.16
CA TRP A 36 -8.52 -16.86 2.67
C TRP A 36 -8.63 -15.89 3.86
N VAL A 37 -7.86 -14.83 3.79
CA VAL A 37 -7.85 -13.73 4.77
C VAL A 37 -7.97 -12.41 4.02
N ARG A 38 -8.76 -11.47 4.55
CA ARG A 38 -8.95 -10.22 3.83
C ARG A 38 -8.59 -9.01 4.67
N GLN A 39 -8.43 -7.89 3.99
CA GLN A 39 -8.10 -6.62 4.62
C GLN A 39 -8.77 -5.44 3.90
N ALA A 40 -9.84 -4.94 4.50
CA ALA A 40 -10.53 -3.72 4.05
C ALA A 40 -9.55 -2.54 4.11
N PRO A 41 -9.62 -1.60 3.14
CA PRO A 41 -8.56 -0.58 3.06
C PRO A 41 -8.43 0.21 4.36
N GLY A 42 -7.18 0.41 4.81
CA GLY A 42 -6.90 1.09 6.09
C GLY A 42 -7.27 0.32 7.35
N LYS A 43 -7.71 -0.93 7.23
CA LYS A 43 -8.18 -1.70 8.37
C LYS A 43 -7.29 -2.91 8.65
N GLY A 44 -7.66 -3.63 9.70
CA GLY A 44 -6.96 -4.83 10.12
C GLY A 44 -7.36 -6.03 9.30
N LEU A 45 -6.78 -7.18 9.66
CA LEU A 45 -6.95 -8.41 8.92
C LEU A 45 -8.17 -9.14 9.46
N GLU A 46 -8.87 -9.83 8.57
CA GLU A 46 -10.02 -10.63 8.94
C GLU A 46 -9.97 -11.97 8.24
N TRP A 47 -9.98 -13.04 9.04
CA TRP A 47 -10.04 -14.41 8.51
C TRP A 47 -11.39 -14.62 7.83
N VAL A 48 -11.39 -15.22 6.64
CA VAL A 48 -12.61 -15.37 5.83
C VAL A 48 -13.11 -16.81 5.82
N ALA A 49 -12.22 -17.75 5.53
CA ALA A 49 -12.62 -19.12 5.32
C ALA A 49 -11.45 -20.08 5.35
N ARG A 50 -11.74 -21.32 5.73
CA ARG A 50 -10.76 -22.39 5.80
C ARG A 50 -11.30 -23.61 5.06
N ILE A 51 -10.41 -24.27 4.33
CA ILE A 51 -10.69 -25.58 3.79
C ILE A 51 -9.58 -26.53 4.20
N ARG A 52 -9.97 -27.66 4.78
CA ARG A 52 -8.98 -28.66 5.22
C ARG A 52 -8.54 -29.56 4.06
N SER A 53 -7.58 -30.44 4.34
CA SER A 53 -7.04 -31.34 3.35
C SER A 53 -7.98 -32.49 3.08
N LYS A 54 -7.63 -33.25 2.05
CA LYS A 54 -8.41 -34.43 1.68
C LYS A 54 -8.47 -35.45 2.82
N SER A 55 -7.39 -35.54 3.59
CA SER A 55 -7.38 -36.50 4.68
C SER A 55 -8.40 -36.10 5.77
N ASN A 56 -8.82 -34.83 5.80
CA ASN A 56 -9.96 -34.40 6.61
C ASN A 56 -11.24 -34.10 5.83
N ASN A 57 -11.39 -34.76 4.68
CA ASN A 57 -12.60 -34.70 3.89
C ASN A 57 -12.98 -33.28 3.47
N TYR A 58 -11.98 -32.42 3.35
CA TYR A 58 -12.18 -31.08 2.79
C TYR A 58 -13.20 -30.27 3.58
N ALA A 59 -13.22 -30.47 4.90
CA ALA A 59 -14.12 -29.71 5.77
C ALA A 59 -13.84 -28.21 5.61
N THR A 60 -14.91 -27.43 5.59
CA THR A 60 -14.85 -25.99 5.35
C THR A 60 -15.47 -25.24 6.49
N TYR A 61 -14.95 -24.04 6.73
CA TYR A 61 -15.38 -23.20 7.83
C TYR A 61 -15.34 -21.77 7.33
N TYR A 62 -16.24 -20.93 7.82
CA TYR A 62 -16.42 -19.57 7.31
C TYR A 62 -16.64 -18.60 8.45
N ALA A 63 -16.16 -17.37 8.29
CA ALA A 63 -16.56 -16.27 9.19
C ALA A 63 -18.08 -16.00 9.05
N ASP A 64 -18.73 -15.59 10.13
CA ASP A 64 -20.19 -15.39 10.09
C ASP A 64 -20.63 -14.34 9.06
N SER A 65 -19.81 -13.30 8.90
CA SER A 65 -20.04 -12.27 7.90
C SER A 65 -20.11 -12.78 6.46
N VAL A 66 -19.49 -13.92 6.17
CA VAL A 66 -19.52 -14.45 4.81
C VAL A 66 -20.23 -15.78 4.68
N LYS A 67 -20.54 -16.39 5.80
CA LYS A 67 -21.17 -17.68 5.80
C LYS A 67 -22.42 -17.63 4.92
N ASP A 68 -22.60 -18.66 4.09
CA ASP A 68 -23.72 -18.83 3.14
C ASP A 68 -23.62 -17.95 1.86
N ARG A 69 -22.77 -16.93 1.85
CA ARG A 69 -22.56 -16.10 0.65
C ARG A 69 -21.31 -16.55 -0.14
N PHE A 70 -20.29 -17.01 0.59
CA PHE A 70 -18.97 -17.35 0.03
C PHE A 70 -18.74 -18.86 0.08
N THR A 71 -18.04 -19.39 -0.92
CA THR A 71 -17.79 -20.82 -0.96
C THR A 71 -16.28 -21.02 -1.23
N ILE A 72 -15.59 -21.70 -0.32
CA ILE A 72 -14.15 -21.96 -0.49
C ILE A 72 -14.03 -23.35 -1.06
N SER A 73 -13.11 -23.57 -2.02
CA SER A 73 -12.92 -24.87 -2.61
C SER A 73 -11.49 -25.01 -3.12
N ARG A 74 -11.10 -26.22 -3.49
CA ARG A 74 -9.73 -26.49 -3.91
C ARG A 74 -9.73 -27.56 -4.99
N ASP A 75 -8.71 -27.52 -5.84
CA ASP A 75 -8.46 -28.55 -6.84
C ASP A 75 -7.00 -28.98 -6.61
N ASP A 76 -6.83 -30.10 -5.92
CA ASP A 76 -5.50 -30.59 -5.55
C ASP A 76 -4.66 -30.94 -6.78
N SER A 77 -5.29 -31.45 -7.85
CA SER A 77 -4.55 -31.86 -9.02
C SER A 77 -3.86 -30.68 -9.67
N GLN A 78 -4.48 -29.50 -9.57
CA GLN A 78 -3.93 -28.29 -10.18
C GLN A 78 -3.28 -27.36 -9.14
N SER A 79 -3.20 -27.82 -7.89
CA SER A 79 -2.75 -26.98 -6.77
C SER A 79 -3.38 -25.58 -6.78
N MET A 80 -4.72 -25.55 -6.81
CA MET A 80 -5.45 -24.29 -6.88
C MET A 80 -6.39 -24.18 -5.66
N LEU A 81 -6.50 -22.97 -5.10
CA LEU A 81 -7.50 -22.62 -4.11
C LEU A 81 -8.48 -21.63 -4.75
N TYR A 82 -9.76 -21.72 -4.40
CA TYR A 82 -10.77 -20.83 -4.99
C TYR A 82 -11.62 -20.22 -3.91
N LEU A 83 -12.09 -18.99 -4.15
CA LEU A 83 -13.15 -18.40 -3.34
C LEU A 83 -14.22 -17.84 -4.27
N GLN A 84 -15.37 -18.51 -4.27
CA GLN A 84 -16.54 -18.03 -5.01
C GLN A 84 -17.31 -17.12 -4.09
N MET A 85 -17.52 -15.90 -4.55
CA MET A 85 -18.14 -14.90 -3.73
C MET A 85 -19.47 -14.48 -4.38
N ASN A 86 -20.57 -14.65 -3.65
CA ASN A 86 -21.89 -14.30 -4.16
C ASN A 86 -22.56 -13.27 -3.23
N ASN A 87 -23.55 -12.58 -3.79
CA ASN A 87 -24.33 -11.59 -3.05
C ASN A 87 -23.41 -10.60 -2.34
N LEU A 88 -22.48 -10.04 -3.10
CA LEU A 88 -21.44 -9.19 -2.55
C LEU A 88 -22.00 -7.87 -2.00
N LYS A 89 -21.32 -7.34 -0.97
CA LYS A 89 -21.73 -6.11 -0.31
C LYS A 89 -20.56 -5.20 -0.27
N THR A 90 -20.85 -3.91 -0.10
CA THR A 90 -19.86 -2.86 -0.02
C THR A 90 -18.72 -3.21 0.92
N GLU A 91 -19.07 -3.71 2.10
CA GLU A 91 -18.10 -4.01 3.14
C GLU A 91 -17.29 -5.29 2.84
N ASP A 92 -17.51 -5.94 1.71
CA ASP A 92 -16.61 -6.98 1.23
C ASP A 92 -15.44 -6.43 0.45
N THR A 93 -15.42 -5.11 0.28
CA THR A 93 -14.30 -4.46 -0.39
C THR A 93 -13.03 -4.68 0.44
N ALA A 94 -11.99 -5.21 -0.18
CA ALA A 94 -10.79 -5.61 0.52
C ALA A 94 -9.73 -6.19 -0.42
N MET A 95 -8.50 -6.20 0.06
CA MET A 95 -7.47 -7.10 -0.48
C MET A 95 -7.70 -8.50 0.08
N TYR A 96 -7.69 -9.49 -0.80
CA TYR A 96 -7.94 -10.89 -0.42
C TYR A 96 -6.65 -11.65 -0.58
N TYR A 97 -6.23 -12.29 0.50
CA TYR A 97 -4.97 -13.02 0.56
C TYR A 97 -5.23 -14.52 0.64
N CYS A 98 -4.51 -15.26 -0.19
CA CYS A 98 -4.47 -16.69 -0.12
C CYS A 98 -3.41 -17.04 0.91
N VAL A 99 -3.72 -17.98 1.78
CA VAL A 99 -2.87 -18.27 2.92
C VAL A 99 -2.78 -19.77 3.18
N ARG A 100 -1.57 -20.27 3.36
CA ARG A 100 -1.38 -21.67 3.72
C ARG A 100 -1.44 -21.79 5.24
N HIS A 101 -2.19 -22.76 5.75
CA HIS A 101 -2.31 -22.98 7.20
C HIS A 101 -0.99 -23.50 7.75
N ARG A 102 -0.75 -23.31 9.05
CA ARG A 102 0.38 -23.97 9.69
C ARG A 102 0.26 -25.50 9.52
N GLY A 103 1.39 -26.18 9.55
CA GLY A 103 1.43 -27.61 9.36
C GLY A 103 1.13 -28.40 10.62
N ALA A 104 1.81 -29.53 10.74
CA ALA A 104 1.49 -30.54 11.74
C ALA A 104 1.30 -29.95 13.14
N PRO A 105 0.09 -30.07 13.70
CA PRO A 105 -0.16 -29.48 15.03
C PRO A 105 0.67 -30.11 16.16
N LEU A 106 1.09 -31.36 16.00
CA LEU A 106 1.97 -31.99 16.99
C LEU A 106 3.31 -31.28 17.12
N TYR A 107 3.75 -30.63 16.05
CA TYR A 107 4.97 -29.85 16.09
C TYR A 107 4.68 -28.38 16.34
N TYR A 108 3.66 -27.83 15.68
CA TYR A 108 3.47 -26.37 15.71
C TYR A 108 2.40 -25.91 16.71
N GLY A 109 1.79 -26.84 17.42
CA GLY A 109 0.70 -26.54 18.36
C GLY A 109 -0.66 -26.59 17.70
N ASN A 110 -1.68 -26.82 18.51
CA ASN A 110 -3.04 -26.92 17.99
C ASN A 110 -3.60 -25.60 17.51
N GLY A 111 -3.13 -24.50 18.05
CA GLY A 111 -3.72 -23.23 17.71
C GLY A 111 -3.50 -22.95 16.24
N ALA A 112 -4.47 -22.31 15.62
CA ALA A 112 -4.38 -21.98 14.21
C ALA A 112 -3.50 -20.76 13.97
N TRP A 113 -2.66 -20.86 12.94
CA TRP A 113 -1.93 -19.73 12.42
C TRP A 113 -1.63 -19.94 10.95
N PHE A 114 -1.16 -18.87 10.33
CA PHE A 114 -1.10 -18.75 8.88
C PHE A 114 0.35 -18.55 8.48
N ALA A 115 0.92 -19.64 7.95
CA ALA A 115 2.36 -19.76 7.71
C ALA A 115 2.91 -19.04 6.47
N TYR A 116 2.14 -18.98 5.39
CA TYR A 116 2.57 -18.32 4.17
C TYR A 116 1.43 -17.55 3.55
N TRP A 117 1.75 -16.37 3.03
CA TRP A 117 0.75 -15.45 2.53
C TRP A 117 1.06 -15.04 1.10
N GLY A 118 0.04 -15.01 0.25
CA GLY A 118 0.18 -14.40 -1.07
C GLY A 118 0.26 -12.88 -0.97
N GLN A 119 0.44 -12.24 -2.12
CA GLN A 119 0.57 -10.79 -2.17
C GLN A 119 -0.81 -10.13 -2.18
N GLY A 120 -1.85 -10.87 -2.53
CA GLY A 120 -3.23 -10.38 -2.49
C GLY A 120 -3.84 -10.08 -3.85
N THR A 121 -5.18 -10.13 -3.92
CA THR A 121 -5.91 -9.64 -5.10
C THR A 121 -7.02 -8.68 -4.58
N LEU A 122 -7.17 -7.52 -5.23
CA LEU A 122 -8.04 -6.46 -4.72
C LEU A 122 -9.44 -6.66 -5.25
N VAL A 123 -10.42 -6.63 -4.35
CA VAL A 123 -11.83 -6.71 -4.72
C VAL A 123 -12.54 -5.42 -4.29
N THR A 124 -13.20 -4.77 -5.24
CA THR A 124 -13.94 -3.54 -5.01
C THR A 124 -15.40 -3.79 -5.33
N VAL A 125 -16.25 -3.61 -4.33
CA VAL A 125 -17.67 -3.74 -4.49
C VAL A 125 -18.24 -2.33 -4.47
N SER A 126 -18.67 -1.86 -5.63
CA SER A 126 -19.13 -0.49 -5.76
C SER A 126 -20.11 -0.35 -6.90
N ALA A 127 -20.99 0.64 -6.74
CA ALA A 127 -21.96 1.00 -7.74
C ALA A 127 -21.32 1.77 -8.90
N ALA A 128 -20.16 2.38 -8.67
CA ALA A 128 -19.52 3.20 -9.69
C ALA A 128 -18.93 2.33 -10.80
N LYS A 129 -18.86 2.90 -12.01
CA LYS A 129 -18.41 2.16 -13.19
C LYS A 129 -16.91 2.24 -13.33
N THR A 130 -16.34 1.32 -14.13
CA THR A 130 -14.92 1.38 -14.44
C THR A 130 -14.63 2.61 -15.27
N THR A 131 -13.56 3.32 -14.93
CA THR A 131 -13.12 4.48 -15.68
C THR A 131 -11.62 4.40 -15.84
N PRO A 132 -11.13 4.40 -17.09
CA PRO A 132 -9.70 4.40 -17.30
C PRO A 132 -9.12 5.77 -16.92
N PRO A 133 -7.84 5.82 -16.55
CA PRO A 133 -7.18 7.05 -16.16
C PRO A 133 -6.82 7.89 -17.37
N SER A 134 -6.68 9.20 -17.17
CA SER A 134 -5.93 10.04 -18.10
C SER A 134 -4.52 10.16 -17.56
N VAL A 135 -3.54 9.87 -18.40
CA VAL A 135 -2.14 9.90 -18.02
C VAL A 135 -1.47 11.12 -18.63
N TYR A 136 -0.74 11.89 -17.82
CA TYR A 136 -0.07 13.09 -18.32
C TYR A 136 1.37 13.11 -17.85
N PRO A 137 2.32 13.55 -18.69
CA PRO A 137 3.70 13.58 -18.26
C PRO A 137 4.02 14.81 -17.41
N LEU A 138 5.13 14.75 -16.68
CA LEU A 138 5.61 15.82 -15.81
C LEU A 138 7.09 16.00 -16.05
N ALA A 139 7.43 17.03 -16.83
CA ALA A 139 8.84 17.39 -17.13
C ALA A 139 9.14 18.82 -16.67
N PRO A 140 10.42 19.09 -16.34
CA PRO A 140 10.77 20.46 -15.96
C PRO A 140 10.55 21.47 -17.11
N GLY A 141 10.27 22.72 -16.73
CA GLY A 141 10.13 23.82 -17.69
C GLY A 141 11.49 24.35 -18.11
N CYS A 142 11.48 25.36 -18.98
CA CYS A 142 12.70 25.88 -19.59
C CYS A 142 13.58 26.63 -18.60
N GLY A 143 12.94 27.25 -17.61
CA GLY A 143 13.58 28.24 -16.72
C GLY A 143 14.90 27.91 -16.05
N ASP A 144 14.95 26.82 -15.29
CA ASP A 144 16.07 26.57 -14.36
C ASP A 144 16.47 25.09 -14.31
N THR A 145 17.74 24.83 -13.98
CA THR A 145 18.30 23.45 -13.95
C THR A 145 19.37 23.22 -12.88
N THR A 146 19.23 22.14 -12.11
CA THR A 146 20.28 21.67 -11.20
C THR A 146 21.26 20.79 -11.96
N GLY A 147 22.55 20.98 -11.69
CA GLY A 147 23.60 20.24 -12.37
C GLY A 147 23.68 18.77 -12.00
N SER A 148 23.48 18.45 -10.72
CA SER A 148 23.62 17.09 -10.24
C SER A 148 22.51 16.15 -10.73
N SER A 149 21.24 16.49 -10.44
CA SER A 149 20.11 15.60 -10.78
C SER A 149 18.89 16.31 -11.34
N VAL A 150 18.00 15.51 -11.93
CA VAL A 150 16.68 15.97 -12.40
C VAL A 150 15.62 14.97 -11.94
N THR A 151 14.41 15.48 -11.70
CA THR A 151 13.26 14.65 -11.29
C THR A 151 12.16 14.73 -12.34
N SER A 152 11.68 13.56 -12.78
CA SER A 152 10.59 13.48 -13.76
C SER A 152 9.39 12.76 -13.10
N GLY A 153 8.22 12.85 -13.70
CA GLY A 153 7.03 12.21 -13.16
C GLY A 153 5.92 11.87 -14.16
N CYS A 154 4.89 11.18 -13.65
CA CYS A 154 3.68 10.89 -14.42
C CYS A 154 2.49 11.07 -13.49
N LEU A 155 1.49 11.77 -14.01
CA LEU A 155 0.28 12.06 -13.28
C LEU A 155 -0.83 11.19 -13.84
N VAL A 156 -1.55 10.50 -12.96
CA VAL A 156 -2.50 9.48 -13.35
C VAL A 156 -3.86 9.81 -12.76
N LYS A 157 -4.77 10.25 -13.62
CA LYS A 157 -5.88 11.05 -13.18
C LYS A 157 -7.24 10.50 -13.51
N GLY A 158 -8.11 10.44 -12.50
CA GLY A 158 -9.55 10.25 -12.70
C GLY A 158 -9.98 8.84 -13.05
N TYR A 159 -9.36 7.85 -12.40
CA TYR A 159 -9.65 6.44 -12.68
C TYR A 159 -10.49 5.77 -11.60
N PHE A 160 -11.10 4.64 -11.95
CA PHE A 160 -11.79 3.79 -10.99
C PHE A 160 -11.91 2.38 -11.57
N PRO A 161 -11.78 1.34 -10.73
CA PRO A 161 -11.39 1.30 -9.33
C PRO A 161 -9.89 1.36 -9.18
N GLU A 162 -9.42 1.19 -7.95
CA GLU A 162 -8.00 0.94 -7.75
C GLU A 162 -7.69 -0.46 -8.28
N SER A 163 -6.44 -0.72 -8.62
CA SER A 163 -5.35 0.25 -8.54
C SER A 163 -4.65 0.29 -9.88
N VAL A 164 -3.61 1.09 -9.97
CA VAL A 164 -2.73 1.15 -11.13
C VAL A 164 -1.32 0.86 -10.71
N THR A 165 -0.47 0.55 -11.68
CA THR A 165 0.93 0.32 -11.45
C THR A 165 1.68 1.20 -12.44
N VAL A 166 2.68 1.92 -11.95
CA VAL A 166 3.54 2.74 -12.79
C VAL A 166 4.95 2.17 -12.72
N THR A 167 5.56 1.92 -13.87
CA THR A 167 6.95 1.51 -13.93
C THR A 167 7.70 2.39 -14.91
N TRP A 168 9.01 2.49 -14.68
CA TRP A 168 9.88 3.43 -15.39
C TRP A 168 10.90 2.63 -16.13
N ASN A 169 11.00 2.84 -17.44
CA ASN A 169 11.98 2.16 -18.28
C ASN A 169 11.91 0.63 -18.14
N SER A 170 10.71 0.10 -18.38
CA SER A 170 10.44 -1.35 -18.31
C SER A 170 10.99 -2.00 -17.03
N GLY A 171 10.89 -1.27 -15.91
CA GLY A 171 11.41 -1.73 -14.63
C GLY A 171 12.87 -1.37 -14.34
N SER A 172 13.62 -1.01 -15.37
CA SER A 172 15.07 -0.77 -15.26
C SER A 172 15.42 0.19 -14.10
N LEU A 173 15.00 1.45 -14.23
CA LEU A 173 15.26 2.46 -13.19
C LEU A 173 14.25 2.26 -12.05
N SER A 174 14.75 1.91 -10.87
CA SER A 174 13.90 1.46 -9.77
C SER A 174 14.40 1.95 -8.42
N SER A 175 13.45 2.23 -7.52
CA SER A 175 13.71 2.77 -6.17
C SER A 175 14.46 4.13 -6.13
N SER A 176 14.72 4.70 -7.31
CA SER A 176 14.89 6.15 -7.45
C SER A 176 13.48 6.75 -7.57
N VAL A 177 12.46 5.89 -7.54
CA VAL A 177 11.10 6.26 -7.85
C VAL A 177 10.27 6.34 -6.58
N HIS A 178 9.34 7.29 -6.56
CA HIS A 178 8.40 7.39 -5.47
C HIS A 178 7.01 7.21 -6.06
N THR A 179 6.18 6.45 -5.35
CA THR A 179 4.79 6.23 -5.70
C THR A 179 3.92 6.92 -4.68
N PHE A 180 3.07 7.84 -5.13
CA PHE A 180 2.23 8.60 -4.22
C PHE A 180 0.85 7.95 -4.15
N PRO A 181 0.45 7.50 -2.94
CA PRO A 181 -0.83 6.84 -2.81
C PRO A 181 -1.96 7.61 -3.43
N ALA A 182 -2.85 6.87 -4.09
CA ALA A 182 -4.01 7.44 -4.78
C ALA A 182 -4.98 8.06 -3.82
N LEU A 183 -5.59 9.17 -4.23
CA LEU A 183 -6.62 9.84 -3.44
C LEU A 183 -7.95 9.91 -4.17
N LEU A 184 -9.03 9.72 -3.42
CA LEU A 184 -10.37 9.69 -4.00
C LEU A 184 -10.89 11.11 -4.02
N GLN A 185 -11.05 11.67 -5.21
CA GLN A 185 -11.60 13.01 -5.36
C GLN A 185 -12.85 12.90 -6.20
N SER A 186 -14.00 13.04 -5.55
CA SER A 186 -15.29 13.09 -6.23
C SER A 186 -15.56 11.83 -7.06
N GLY A 187 -15.49 10.68 -6.40
CA GLY A 187 -15.81 9.39 -7.01
C GLY A 187 -14.71 8.75 -7.87
N LEU A 188 -13.61 9.47 -8.11
CA LEU A 188 -12.53 9.02 -8.99
C LEU A 188 -11.17 9.19 -8.30
N TYR A 189 -10.20 8.33 -8.65
CA TYR A 189 -8.90 8.30 -8.00
C TYR A 189 -7.88 9.05 -8.82
N THR A 190 -6.88 9.60 -8.12
CA THR A 190 -5.74 10.22 -8.77
C THR A 190 -4.48 9.92 -7.96
N MET A 191 -3.41 9.55 -8.66
CA MET A 191 -2.13 9.29 -8.03
C MET A 191 -1.06 9.82 -8.96
N SER A 192 0.18 9.81 -8.49
CA SER A 192 1.31 10.23 -9.28
C SER A 192 2.54 9.42 -8.89
N SER A 193 3.56 9.46 -9.73
CA SER A 193 4.81 8.76 -9.49
C SER A 193 5.97 9.61 -9.99
N SER A 194 7.10 9.55 -9.29
CA SER A 194 8.28 10.32 -9.68
C SER A 194 9.52 9.45 -9.78
N VAL A 195 10.45 9.86 -10.61
CA VAL A 195 11.74 9.20 -10.73
C VAL A 195 12.82 10.28 -10.68
N THR A 196 13.97 9.95 -10.11
CA THR A 196 15.10 10.87 -10.11
C THR A 196 16.29 10.18 -10.75
N VAL A 197 16.93 10.87 -11.68
CA VAL A 197 18.09 10.35 -12.41
C VAL A 197 19.21 11.40 -12.45
N PRO A 198 20.45 10.96 -12.77
CA PRO A 198 21.53 11.90 -13.07
C PRO A 198 21.17 12.82 -14.24
N SER A 199 21.54 14.09 -14.16
CA SER A 199 21.11 15.07 -15.15
C SER A 199 21.78 14.89 -16.52
N SER A 200 22.96 14.27 -16.55
CA SER A 200 23.64 14.00 -17.81
C SER A 200 22.85 12.98 -18.66
N THR A 201 22.34 11.94 -18.00
CA THR A 201 21.61 10.85 -18.69
C THR A 201 20.20 11.22 -19.16
N TRP A 202 19.77 12.46 -18.97
CA TRP A 202 18.49 12.89 -19.51
C TRP A 202 18.54 14.39 -19.81
N PRO A 203 18.10 14.81 -21.01
CA PRO A 203 17.28 14.11 -22.00
C PRO A 203 18.03 13.31 -23.07
N SER A 204 19.36 13.37 -23.10
CA SER A 204 20.17 12.64 -24.08
C SER A 204 19.67 11.20 -24.28
N GLU A 205 18.91 10.72 -23.31
CA GLU A 205 18.73 9.32 -23.09
C GLU A 205 17.34 9.14 -22.51
N THR A 206 16.64 8.11 -22.97
CA THR A 206 15.18 8.12 -22.89
C THR A 206 14.67 7.68 -21.52
N VAL A 207 13.58 8.31 -21.11
CA VAL A 207 12.91 7.96 -19.86
C VAL A 207 11.41 7.88 -20.09
N THR A 208 10.84 6.73 -19.71
CA THR A 208 9.46 6.42 -20.04
C THR A 208 8.69 5.78 -18.87
N CYS A 209 7.48 6.25 -18.65
CA CYS A 209 6.61 5.63 -17.66
C CYS A 209 5.55 4.78 -18.36
N SER A 210 5.30 3.60 -17.82
CA SER A 210 4.24 2.71 -18.29
C SER A 210 3.20 2.56 -17.20
N VAL A 211 1.99 2.98 -17.51
CA VAL A 211 0.88 3.02 -16.59
C VAL A 211 -0.15 1.95 -16.95
N ALA A 212 -0.28 0.95 -16.08
CA ALA A 212 -1.23 -0.13 -16.23
C ALA A 212 -2.41 0.07 -15.32
N HIS A 213 -3.60 -0.06 -15.89
CA HIS A 213 -4.81 -0.11 -15.12
C HIS A 213 -5.59 -1.35 -15.58
N PRO A 214 -5.26 -2.51 -14.99
CA PRO A 214 -5.89 -3.77 -15.42
C PRO A 214 -7.40 -3.70 -15.51
N ALA A 215 -8.06 -3.06 -14.56
CA ALA A 215 -9.51 -3.03 -14.50
C ALA A 215 -10.17 -2.49 -15.77
N SER A 216 -9.47 -1.63 -16.50
CA SER A 216 -9.98 -1.13 -17.78
C SER A 216 -9.10 -1.54 -18.96
N SER A 217 -8.34 -2.62 -18.81
CA SER A 217 -7.47 -3.12 -19.86
C SER A 217 -6.63 -2.03 -20.51
N THR A 218 -6.27 -1.00 -19.75
CA THR A 218 -5.46 0.07 -20.32
C THR A 218 -4.02 0.02 -19.83
N THR A 219 -3.15 0.39 -20.76
CA THR A 219 -1.73 0.56 -20.53
C THR A 219 -1.35 1.75 -21.39
N VAL A 220 -0.76 2.79 -20.79
CA VAL A 220 -0.35 3.99 -21.50
C VAL A 220 1.11 4.31 -21.16
N ASP A 221 1.92 4.57 -22.18
CA ASP A 221 3.32 4.99 -21.99
C ASP A 221 3.53 6.43 -22.38
N LYS A 222 4.27 7.16 -21.56
CA LYS A 222 4.67 8.51 -21.89
C LYS A 222 6.19 8.61 -21.87
N LYS A 223 6.77 8.90 -23.03
CA LYS A 223 8.17 9.27 -23.15
C LYS A 223 8.24 10.71 -22.70
N LEU A 224 9.17 11.01 -21.80
CA LEU A 224 9.27 12.37 -21.25
C LEU A 224 10.21 13.21 -22.06
N GLU A 225 9.73 14.39 -22.46
CA GLU A 225 10.45 15.29 -23.35
C GLU A 225 10.56 16.65 -22.70
N PRO A 226 11.71 17.33 -22.89
CA PRO A 226 11.80 18.75 -22.55
C PRO A 226 10.71 19.58 -23.22
N ASP B 1 -17.74 -13.81 19.83
CA ASP B 1 -16.36 -13.99 19.30
C ASP B 1 -15.35 -13.39 20.25
N ILE B 2 -14.08 -13.74 20.04
CA ILE B 2 -12.99 -13.20 20.84
C ILE B 2 -12.48 -11.94 20.16
N GLN B 3 -12.54 -10.83 20.91
CA GLN B 3 -12.10 -9.54 20.43
C GLN B 3 -10.65 -9.37 20.82
N MET B 4 -9.80 -9.00 19.86
CA MET B 4 -8.38 -8.75 20.11
C MET B 4 -8.14 -7.26 20.06
N THR B 5 -7.43 -6.73 21.03
CA THR B 5 -7.23 -5.29 21.11
C THR B 5 -5.76 -4.96 21.17
N GLN B 6 -5.30 -4.14 20.24
CA GLN B 6 -3.99 -3.55 20.33
C GLN B 6 -4.24 -2.09 20.64
N SER B 7 -4.10 -1.71 21.90
CA SER B 7 -4.46 -0.34 22.34
C SER B 7 -3.59 0.80 21.75
N THR B 8 -2.36 0.50 21.31
CA THR B 8 -1.54 1.50 20.62
C THR B 8 -1.58 1.23 19.11
N SER B 9 -2.15 2.16 18.37
CA SER B 9 -2.31 1.97 16.93
C SER B 9 -1.07 2.39 16.15
N SER B 10 -0.24 3.27 16.73
CA SER B 10 1.00 3.65 16.08
C SER B 10 2.05 4.10 17.07
N LEU B 11 3.30 3.84 16.73
CA LEU B 11 4.41 4.41 17.49
C LEU B 11 5.65 4.65 16.64
N SER B 12 6.58 5.38 17.23
CA SER B 12 7.77 5.82 16.54
C SER B 12 8.93 5.49 17.48
N ALA B 13 10.03 4.98 16.92
CA ALA B 13 11.15 4.57 17.71
C ALA B 13 12.41 4.71 16.86
N SER B 14 13.56 4.80 17.52
CA SER B 14 14.84 4.90 16.86
C SER B 14 15.47 3.54 16.68
N LEU B 15 16.45 3.49 15.80
CA LEU B 15 17.27 2.33 15.61
C LEU B 15 17.95 1.96 16.92
N GLY B 16 17.97 0.67 17.25
CA GLY B 16 18.47 0.18 18.52
C GLY B 16 17.48 0.15 19.68
N ASP B 17 16.34 0.84 19.57
CA ASP B 17 15.39 0.83 20.65
C ASP B 17 14.73 -0.53 20.92
N ARG B 18 14.22 -0.70 22.14
CA ARG B 18 13.28 -1.78 22.43
C ARG B 18 11.85 -1.35 22.07
N VAL B 19 11.15 -2.14 21.29
CA VAL B 19 9.76 -1.81 20.94
C VAL B 19 8.88 -2.90 21.52
N THR B 20 7.87 -2.49 22.26
CA THR B 20 6.90 -3.41 22.83
C THR B 20 5.55 -3.10 22.27
N ILE B 21 4.89 -4.12 21.73
CA ILE B 21 3.56 -3.98 21.20
C ILE B 21 2.66 -4.93 21.98
N SER B 22 1.57 -4.39 22.52
CA SER B 22 0.71 -5.19 23.39
C SER B 22 -0.55 -5.67 22.68
N CYS B 23 -1.08 -6.79 23.13
CA CYS B 23 -2.32 -7.32 22.60
C CYS B 23 -3.15 -7.85 23.76
N ARG B 24 -4.44 -7.55 23.78
CA ARG B 24 -5.34 -8.08 24.80
C ARG B 24 -6.49 -8.82 24.15
N ALA B 25 -6.72 -10.06 24.57
CA ALA B 25 -7.88 -10.83 24.14
C ALA B 25 -9.08 -10.64 25.13
N SER B 26 -10.31 -10.76 24.64
CA SER B 26 -11.52 -10.59 25.44
C SER B 26 -11.81 -11.80 26.35
N GLN B 27 -11.12 -12.92 26.10
CA GLN B 27 -11.18 -14.10 26.94
C GLN B 27 -9.84 -14.80 26.85
N ASP B 28 -9.61 -15.71 27.80
CA ASP B 28 -8.46 -16.58 27.79
C ASP B 28 -8.33 -17.27 26.43
N ILE B 29 -7.11 -17.29 25.89
CA ILE B 29 -6.88 -17.95 24.60
C ILE B 29 -5.82 -19.05 24.65
N SER B 30 -5.47 -19.48 25.87
CA SER B 30 -4.62 -20.65 26.10
C SER B 30 -3.30 -20.58 25.34
N ASN B 31 -2.73 -19.38 25.31
CA ASN B 31 -1.45 -19.13 24.68
C ASN B 31 -1.40 -19.31 23.15
N TYR B 32 -2.56 -19.48 22.52
CA TYR B 32 -2.62 -19.58 21.06
C TYR B 32 -2.70 -18.18 20.42
N LEU B 33 -1.59 -17.48 20.52
CA LEU B 33 -1.49 -16.08 20.13
C LEU B 33 -0.31 -15.96 19.19
N ASN B 34 -0.55 -15.39 18.02
CA ASN B 34 0.47 -15.30 16.99
C ASN B 34 0.64 -13.87 16.54
N TRP B 35 1.84 -13.54 16.08
CA TRP B 35 2.14 -12.19 15.59
C TRP B 35 2.58 -12.21 14.13
N TYR B 36 2.12 -11.21 13.37
CA TYR B 36 2.45 -11.03 11.95
C TYR B 36 3.00 -9.62 11.73
N GLN B 37 3.85 -9.50 10.71
CA GLN B 37 4.39 -8.24 10.24
C GLN B 37 3.86 -8.00 8.85
N GLN B 38 3.27 -6.83 8.63
CA GLN B 38 2.88 -6.43 7.30
C GLN B 38 3.71 -5.25 6.86
N LYS B 39 4.57 -5.47 5.88
CA LYS B 39 5.40 -4.39 5.36
C LYS B 39 4.57 -3.31 4.66
N PRO B 40 5.14 -2.11 4.47
CA PRO B 40 4.36 -1.05 3.83
C PRO B 40 3.81 -1.44 2.43
N ASP B 41 4.56 -2.23 1.66
CA ASP B 41 4.05 -2.73 0.38
C ASP B 41 2.93 -3.79 0.51
N GLY B 42 2.55 -4.17 1.73
CA GLY B 42 1.47 -5.14 1.94
C GLY B 42 1.88 -6.59 2.17
N THR B 43 3.16 -6.90 2.02
CA THR B 43 3.66 -8.27 2.24
C THR B 43 3.51 -8.65 3.72
N VAL B 44 2.88 -9.79 3.95
CA VAL B 44 2.65 -10.30 5.29
C VAL B 44 3.48 -11.53 5.55
N LYS B 45 4.11 -11.59 6.73
CA LYS B 45 4.75 -12.82 7.18
C LYS B 45 4.49 -13.03 8.69
N VAL B 46 4.45 -14.30 9.09
CA VAL B 46 4.33 -14.65 10.49
C VAL B 46 5.69 -14.49 11.18
N LEU B 47 5.69 -13.95 12.39
CA LEU B 47 6.94 -13.79 13.18
C LEU B 47 7.03 -14.81 14.30
N ILE B 48 5.96 -14.87 15.09
CA ILE B 48 5.93 -15.60 16.35
C ILE B 48 4.64 -16.36 16.38
N TYR B 49 4.66 -17.62 16.82
CA TYR B 49 3.44 -18.36 17.06
C TYR B 49 3.41 -19.03 18.43
N TYR B 50 2.21 -19.38 18.89
CA TYR B 50 2.00 -20.06 20.16
C TYR B 50 2.66 -19.23 21.26
N THR B 51 2.34 -17.94 21.27
CA THR B 51 2.89 -16.95 22.22
C THR B 51 4.35 -16.55 22.04
N SER B 52 5.25 -17.53 22.03
CA SER B 52 6.67 -17.23 22.08
C SER B 52 7.55 -18.00 21.13
N ARG B 53 7.00 -18.88 20.31
CA ARG B 53 7.86 -19.64 19.42
C ARG B 53 8.22 -18.83 18.19
N LEU B 54 9.51 -18.79 17.89
CA LEU B 54 10.02 -17.99 16.78
C LEU B 54 9.95 -18.79 15.47
N ARG B 55 9.36 -18.22 14.45
CA ARG B 55 9.23 -18.90 13.18
C ARG B 55 10.62 -19.02 12.56
N SER B 56 10.96 -20.21 12.09
CA SER B 56 12.22 -20.44 11.44
C SER B 56 12.44 -19.44 10.33
N GLY B 57 13.61 -18.79 10.36
CA GLY B 57 13.96 -17.76 9.39
C GLY B 57 13.67 -16.34 9.84
N VAL B 58 12.95 -16.17 10.95
CA VAL B 58 12.66 -14.82 11.44
C VAL B 58 13.78 -14.45 12.42
N PRO B 59 14.29 -13.22 12.35
CA PRO B 59 15.39 -12.83 13.24
C PRO B 59 15.06 -12.92 14.73
N SER B 60 16.07 -13.23 15.52
CA SER B 60 15.89 -13.48 16.95
C SER B 60 15.49 -12.25 17.74
N ARG B 61 15.66 -11.06 17.17
CA ARG B 61 15.25 -9.85 17.87
C ARG B 61 13.75 -9.76 18.09
N PHE B 62 12.96 -10.55 17.36
CA PHE B 62 11.54 -10.68 17.62
C PHE B 62 11.32 -11.75 18.66
N SER B 63 10.54 -11.41 19.71
CA SER B 63 10.17 -12.36 20.74
C SER B 63 8.78 -12.03 21.25
N GLY B 64 8.16 -12.99 21.89
CA GLY B 64 6.81 -12.82 22.37
C GLY B 64 6.68 -13.39 23.75
N SER B 65 5.73 -12.86 24.52
CA SER B 65 5.48 -13.38 25.83
C SER B 65 4.03 -13.16 26.15
N GLY B 66 3.62 -13.71 27.27
CA GLY B 66 2.27 -13.49 27.76
C GLY B 66 1.56 -14.76 28.11
N SER B 67 0.32 -14.62 28.57
CA SER B 67 -0.55 -15.74 28.88
C SER B 67 -1.93 -15.21 29.23
N GLY B 68 -2.91 -16.11 29.26
CA GLY B 68 -4.26 -15.73 29.59
C GLY B 68 -4.89 -14.86 28.53
N THR B 69 -5.10 -13.60 28.89
CA THR B 69 -5.64 -12.63 27.97
C THR B 69 -4.61 -11.60 27.51
N ASP B 70 -3.43 -11.58 28.12
CA ASP B 70 -2.49 -10.49 27.89
C ASP B 70 -1.19 -10.96 27.25
N TYR B 71 -0.81 -10.32 26.13
CA TYR B 71 0.38 -10.72 25.36
C TYR B 71 1.17 -9.54 24.81
N SER B 72 2.44 -9.76 24.49
CA SER B 72 3.34 -8.73 24.03
C SER B 72 4.33 -9.24 22.99
N LEU B 73 4.53 -8.45 21.94
CA LEU B 73 5.63 -8.67 21.02
C LEU B 73 6.72 -7.67 21.38
N THR B 74 7.94 -8.14 21.51
CA THR B 74 9.08 -7.26 21.71
C THR B 74 10.00 -7.36 20.50
N ILE B 75 10.37 -6.20 19.99
CA ILE B 75 11.47 -6.09 19.05
C ILE B 75 12.64 -5.50 19.82
N SER B 76 13.67 -6.31 20.03
CA SER B 76 14.89 -5.82 20.65
C SER B 76 15.82 -5.25 19.59
N ASN B 77 16.57 -4.23 19.92
CA ASN B 77 17.59 -3.69 19.02
C ASN B 77 16.97 -3.46 17.63
N LEU B 78 16.03 -2.53 17.57
CA LEU B 78 15.26 -2.26 16.38
C LEU B 78 16.16 -1.99 15.18
N GLU B 79 15.81 -2.57 14.02
CA GLU B 79 16.57 -2.35 12.76
C GLU B 79 15.75 -1.59 11.72
N GLN B 80 16.45 -1.05 10.75
CA GLN B 80 15.88 -0.25 9.67
C GLN B 80 14.72 -0.98 8.96
N GLU B 81 14.91 -2.26 8.67
CA GLU B 81 13.94 -3.07 7.93
C GLU B 81 12.66 -3.43 8.71
N ASP B 82 12.54 -2.97 9.96
CA ASP B 82 11.39 -3.30 10.83
C ASP B 82 10.21 -2.33 10.73
N ILE B 83 10.31 -1.33 9.87
CA ILE B 83 9.16 -0.47 9.51
C ILE B 83 8.07 -1.34 8.92
N ALA B 84 6.92 -1.36 9.59
CA ALA B 84 5.84 -2.26 9.27
C ALA B 84 4.66 -2.02 10.21
N THR B 85 3.56 -2.70 9.92
CA THR B 85 2.42 -2.77 10.81
C THR B 85 2.39 -4.18 11.41
N TYR B 86 2.20 -4.27 12.72
CA TYR B 86 2.27 -5.54 13.46
C TYR B 86 0.90 -5.91 13.97
N PHE B 87 0.49 -7.16 13.72
CA PHE B 87 -0.84 -7.64 14.08
C PHE B 87 -0.77 -8.87 14.95
N CYS B 88 -1.63 -8.93 15.97
CA CYS B 88 -1.77 -10.15 16.74
C CYS B 88 -2.98 -10.91 16.25
N GLN B 89 -3.04 -12.18 16.61
CA GLN B 89 -4.10 -13.07 16.16
C GLN B 89 -4.23 -14.25 17.10
N GLN B 90 -5.44 -14.49 17.57
CA GLN B 90 -5.73 -15.69 18.37
C GLN B 90 -6.18 -16.83 17.50
N GLY B 91 -5.62 -18.00 17.78
CA GLY B 91 -5.92 -19.24 17.03
C GLY B 91 -6.59 -20.28 17.89
N ASN B 92 -7.19 -19.86 19.00
CA ASN B 92 -7.80 -20.78 19.95
C ASN B 92 -9.15 -21.27 19.44
N THR B 93 -10.02 -20.35 19.03
CA THR B 93 -11.40 -20.68 18.68
C THR B 93 -11.88 -19.87 17.50
N LEU B 94 -12.64 -20.52 16.64
CA LEU B 94 -13.24 -19.87 15.47
C LEU B 94 -14.35 -18.93 15.86
N PRO B 95 -14.51 -17.83 15.11
CA PRO B 95 -13.63 -17.37 14.05
C PRO B 95 -12.29 -16.86 14.59
N TRP B 96 -11.22 -17.17 13.85
CA TRP B 96 -9.92 -16.71 14.25
C TRP B 96 -9.85 -15.23 13.99
N THR B 97 -9.45 -14.47 15.01
CA THR B 97 -9.55 -13.03 14.99
C THR B 97 -8.22 -12.35 15.21
N PHE B 98 -8.08 -11.18 14.59
CA PHE B 98 -6.86 -10.39 14.59
C PHE B 98 -7.07 -9.09 15.38
N GLY B 99 -6.02 -8.58 15.98
CA GLY B 99 -5.99 -7.22 16.46
C GLY B 99 -6.01 -6.19 15.34
N GLY B 100 -6.20 -4.93 15.70
CA GLY B 100 -6.40 -3.87 14.72
C GLY B 100 -5.10 -3.40 14.08
N GLY B 101 -3.96 -3.79 14.66
CA GLY B 101 -2.65 -3.44 14.10
C GLY B 101 -1.97 -2.27 14.79
N THR B 102 -0.65 -2.35 14.87
CA THR B 102 0.18 -1.30 15.42
C THR B 102 1.21 -0.93 14.37
N LYS B 103 1.16 0.33 13.90
CA LYS B 103 2.09 0.83 12.89
C LYS B 103 3.37 1.40 13.51
N LEU B 104 4.51 0.96 13.00
CA LEU B 104 5.79 1.37 13.54
C LEU B 104 6.56 2.23 12.53
N GLU B 105 6.77 3.49 12.91
CA GLU B 105 7.64 4.43 12.21
C GLU B 105 9.01 4.37 12.87
N ILE B 106 10.07 4.47 12.10
CA ILE B 106 11.41 4.51 12.67
C ILE B 106 11.96 5.91 12.48
N LYS B 107 12.48 6.51 13.56
CA LYS B 107 13.05 7.84 13.47
C LYS B 107 14.34 7.87 12.68
N ARG B 108 14.69 9.07 12.24
CA ARG B 108 15.97 9.36 11.60
C ARG B 108 16.22 10.82 11.87
N ALA B 109 17.39 11.30 11.43
CA ALA B 109 17.75 12.70 11.54
C ALA B 109 16.83 13.53 10.66
N ASP B 110 16.53 14.74 11.10
CA ASP B 110 15.69 15.66 10.34
C ASP B 110 16.33 15.88 8.97
N ALA B 111 15.48 16.00 7.95
CA ALA B 111 15.95 16.17 6.56
C ALA B 111 15.01 17.11 5.82
N ALA B 112 15.59 18.10 5.15
CA ALA B 112 14.82 19.06 4.36
C ALA B 112 14.35 18.43 3.05
N PRO B 113 13.16 18.81 2.56
CA PRO B 113 12.66 18.25 1.31
C PRO B 113 13.36 18.83 0.09
N THR B 114 13.51 18.01 -0.94
CA THR B 114 13.94 18.45 -2.26
C THR B 114 12.67 18.75 -3.03
N VAL B 115 12.52 20.00 -3.48
CA VAL B 115 11.28 20.42 -4.14
C VAL B 115 11.45 20.49 -5.66
N SER B 116 10.44 20.02 -6.38
CA SER B 116 10.37 20.10 -7.83
C SER B 116 8.98 20.55 -8.22
N ILE B 117 8.87 21.38 -9.25
CA ILE B 117 7.58 21.87 -9.73
C ILE B 117 7.39 21.53 -11.23
N PHE B 118 6.14 21.32 -11.64
CA PHE B 118 5.84 20.87 -13.00
C PHE B 118 4.61 21.58 -13.57
N PRO B 119 4.75 22.21 -14.76
CA PRO B 119 3.57 22.81 -15.38
C PRO B 119 2.62 21.75 -15.92
N PRO B 120 1.35 22.12 -16.18
CA PRO B 120 0.42 21.20 -16.84
C PRO B 120 0.88 20.80 -18.22
N SER B 121 0.39 19.66 -18.71
CA SER B 121 0.80 19.11 -20.01
C SER B 121 -0.05 19.66 -21.13
N SER B 122 0.52 19.71 -22.34
CA SER B 122 -0.23 19.97 -23.57
C SER B 122 -1.50 19.10 -23.67
N GLU B 123 -1.36 17.80 -23.39
CA GLU B 123 -2.44 16.84 -23.56
C GLU B 123 -3.63 17.17 -22.67
N GLN B 124 -3.31 17.53 -21.43
CA GLN B 124 -4.34 17.90 -20.47
C GLN B 124 -5.00 19.21 -20.86
N LEU B 125 -4.18 20.16 -21.31
CA LEU B 125 -4.70 21.46 -21.75
C LEU B 125 -5.71 21.32 -22.90
N THR B 126 -5.39 20.50 -23.90
CA THR B 126 -6.33 20.24 -25.00
C THR B 126 -7.64 19.65 -24.51
N SER B 127 -7.61 18.97 -23.37
CA SER B 127 -8.81 18.41 -22.77
C SER B 127 -9.62 19.46 -22.00
N GLY B 128 -9.05 20.64 -21.83
CA GLY B 128 -9.74 21.75 -21.15
C GLY B 128 -9.51 21.79 -19.65
N GLY B 129 -8.34 21.30 -19.21
CA GLY B 129 -8.01 21.18 -17.79
C GLY B 129 -6.53 21.43 -17.55
N ALA B 130 -6.17 21.72 -16.29
CA ALA B 130 -4.81 22.15 -15.97
C ALA B 130 -4.38 21.77 -14.54
N SER B 131 -3.44 20.84 -14.43
CA SER B 131 -2.97 20.35 -13.15
C SER B 131 -1.53 20.77 -13.00
N VAL B 132 -1.25 21.50 -11.92
CA VAL B 132 0.11 21.85 -11.58
C VAL B 132 0.50 20.96 -10.41
N VAL B 133 1.75 20.52 -10.41
CA VAL B 133 2.17 19.47 -9.50
C VAL B 133 3.47 19.86 -8.88
N CYS B 134 3.56 19.61 -7.58
CA CYS B 134 4.75 19.84 -6.82
C CYS B 134 5.14 18.54 -6.07
N PHE B 135 6.39 18.14 -6.19
CA PHE B 135 6.94 17.06 -5.38
C PHE B 135 7.85 17.57 -4.27
N LEU B 136 7.60 17.15 -3.04
CA LEU B 136 8.53 17.36 -1.93
C LEU B 136 9.12 16.00 -1.58
N ASN B 137 10.41 15.81 -1.81
CA ASN B 137 10.98 14.49 -1.71
C ASN B 137 11.95 14.35 -0.57
N ASN B 138 11.97 13.15 0.02
CA ASN B 138 13.01 12.72 0.95
C ASN B 138 13.19 13.65 2.16
N PHE B 139 12.10 13.93 2.87
CA PHE B 139 12.15 14.76 4.07
C PHE B 139 11.74 13.99 5.34
N TYR B 140 12.10 14.55 6.49
CA TYR B 140 11.75 13.99 7.82
C TYR B 140 11.83 15.11 8.85
N PRO B 141 10.86 15.22 9.78
CA PRO B 141 9.68 14.39 10.05
C PRO B 141 8.57 14.59 9.04
N LYS B 142 7.49 13.84 9.22
CA LYS B 142 6.46 13.70 8.19
C LYS B 142 5.64 14.97 7.98
N ASP B 143 5.43 15.72 9.06
CA ASP B 143 4.62 16.94 9.00
C ASP B 143 5.26 17.94 8.08
N ILE B 144 4.46 18.52 7.21
CA ILE B 144 4.97 19.50 6.26
C ILE B 144 3.77 20.23 5.70
N ASN B 145 3.96 21.49 5.32
CA ASN B 145 2.92 22.32 4.79
C ASN B 145 3.33 22.75 3.39
N VAL B 146 2.41 22.67 2.45
CA VAL B 146 2.65 23.13 1.09
C VAL B 146 1.64 24.24 0.79
N LYS B 147 2.11 25.39 0.33
CA LYS B 147 1.23 26.43 -0.17
C LYS B 147 1.47 26.67 -1.66
N TRP B 148 0.38 26.87 -2.37
CA TRP B 148 0.39 27.27 -3.77
C TRP B 148 0.14 28.78 -3.83
N LYS B 149 1.01 29.48 -4.56
CA LYS B 149 0.85 30.90 -4.86
C LYS B 149 0.68 31.12 -6.36
N ILE B 150 -0.45 31.70 -6.73
CA ILE B 150 -0.76 32.05 -8.13
C ILE B 150 -0.72 33.58 -8.25
N ASP B 151 0.23 34.10 -9.02
CA ASP B 151 0.47 35.56 -9.09
C ASP B 151 0.57 36.18 -7.70
N GLY B 152 1.21 35.46 -6.77
CA GLY B 152 1.43 35.93 -5.42
C GLY B 152 0.31 35.61 -4.42
N SER B 153 -0.88 35.26 -4.90
CA SER B 153 -2.01 34.93 -4.01
C SER B 153 -2.10 33.42 -3.70
N GLU B 154 -2.31 33.09 -2.42
CA GLU B 154 -2.50 31.70 -2.02
C GLU B 154 -3.77 31.11 -2.62
N ARG B 155 -3.61 29.91 -3.16
CA ARG B 155 -4.71 29.15 -3.75
C ARG B 155 -4.83 27.86 -2.96
N GLN B 156 -6.02 27.60 -2.43
CA GLN B 156 -6.28 26.33 -1.73
C GLN B 156 -7.31 25.41 -2.43
N ASN B 157 -8.31 25.98 -3.08
CA ASN B 157 -9.27 25.16 -3.79
C ASN B 157 -8.61 24.41 -4.93
N GLY B 158 -8.93 23.13 -5.06
CA GLY B 158 -8.31 22.32 -6.08
C GLY B 158 -6.97 21.73 -5.71
N VAL B 159 -6.63 21.77 -4.46
CA VAL B 159 -5.36 21.19 -4.04
C VAL B 159 -5.55 19.86 -3.35
N LEU B 160 -4.78 18.88 -3.78
CA LEU B 160 -4.77 17.55 -3.19
C LEU B 160 -3.35 17.13 -2.87
N ASN B 161 -3.11 16.65 -1.64
CA ASN B 161 -1.78 16.27 -1.21
C ASN B 161 -1.68 14.79 -0.82
N SER B 162 -0.62 14.12 -1.26
CA SER B 162 -0.41 12.73 -0.90
C SER B 162 0.98 12.44 -0.37
N TRP B 163 1.07 11.88 0.83
CA TRP B 163 2.35 11.47 1.41
C TRP B 163 2.70 10.01 1.06
N THR B 164 3.97 9.74 0.76
CA THR B 164 4.41 8.36 0.63
C THR B 164 4.45 7.71 2.00
N ASP B 165 4.54 6.39 2.01
CA ASP B 165 4.88 5.66 3.23
C ASP B 165 6.31 6.00 3.51
N GLN B 166 6.72 5.79 4.75
CA GLN B 166 8.09 5.96 5.10
C GLN B 166 8.96 5.09 4.19
N ASP B 167 10.07 5.63 3.71
CA ASP B 167 10.99 4.89 2.88
C ASP B 167 11.76 3.83 3.68
N SER B 168 11.67 2.59 3.21
CA SER B 168 12.21 1.43 3.93
C SER B 168 13.72 1.45 4.05
N LYS B 169 14.43 2.17 3.18
CA LYS B 169 15.88 2.21 3.23
C LYS B 169 16.43 3.40 4.01
N ASP B 170 15.80 4.57 3.90
CA ASP B 170 16.34 5.76 4.57
C ASP B 170 15.38 6.50 5.51
N SER B 171 14.17 5.96 5.71
CA SER B 171 13.20 6.47 6.69
C SER B 171 12.61 7.85 6.41
N THR B 172 12.85 8.39 5.22
CA THR B 172 12.32 9.69 4.83
C THR B 172 10.92 9.53 4.26
N TYR B 173 10.22 10.66 4.12
CA TYR B 173 8.92 10.71 3.48
C TYR B 173 8.98 11.58 2.22
N SER B 174 7.96 11.44 1.39
CA SER B 174 7.81 12.30 0.24
C SER B 174 6.34 12.63 0.12
N MET B 175 6.03 13.76 -0.50
CA MET B 175 4.64 14.12 -0.71
C MET B 175 4.44 14.84 -2.05
N SER B 176 3.26 14.68 -2.63
CA SER B 176 2.92 15.36 -3.87
C SER B 176 1.78 16.27 -3.56
N SER B 177 1.82 17.47 -4.13
CA SER B 177 0.72 18.41 -4.07
C SER B 177 0.23 18.69 -5.49
N THR B 178 -1.05 18.57 -5.70
CA THR B 178 -1.59 18.70 -7.05
C THR B 178 -2.68 19.73 -7.04
N LEU B 179 -2.45 20.79 -7.80
CA LEU B 179 -3.42 21.86 -7.99
C LEU B 179 -4.01 21.70 -9.37
N THR B 180 -5.30 21.41 -9.41
CA THR B 180 -6.00 21.22 -10.67
C THR B 180 -7.03 22.34 -10.91
N LEU B 181 -6.86 23.01 -12.05
CA LEU B 181 -7.70 24.13 -12.49
C LEU B 181 -8.30 23.79 -13.85
N THR B 182 -9.34 24.52 -14.27
CA THR B 182 -9.78 24.52 -15.69
C THR B 182 -8.70 25.20 -16.52
N LYS B 183 -8.59 24.84 -17.79
CA LYS B 183 -7.57 25.50 -18.64
C LYS B 183 -7.80 27.01 -18.68
N ASP B 184 -9.06 27.44 -18.71
CA ASP B 184 -9.39 28.85 -18.68
C ASP B 184 -8.69 29.52 -17.49
N GLU B 185 -8.98 29.04 -16.27
CA GLU B 185 -8.34 29.57 -15.06
C GLU B 185 -6.82 29.62 -15.14
N TYR B 186 -6.22 28.53 -15.59
CA TYR B 186 -4.78 28.46 -15.69
C TYR B 186 -4.25 29.62 -16.50
N GLU B 187 -4.87 29.82 -17.66
CA GLU B 187 -4.38 30.75 -18.68
C GLU B 187 -4.38 32.21 -18.22
N ARG B 188 -5.28 32.56 -17.30
CA ARG B 188 -5.38 33.95 -16.86
C ARG B 188 -4.43 34.35 -15.72
N HIS B 189 -3.40 33.53 -15.45
CA HIS B 189 -2.35 33.88 -14.47
C HIS B 189 -0.99 33.47 -15.00
N ASN B 190 0.07 34.08 -14.51
CA ASN B 190 1.39 33.79 -15.02
C ASN B 190 2.29 33.00 -14.06
N SER B 191 2.45 33.52 -12.84
CA SER B 191 3.37 32.98 -11.87
C SER B 191 2.73 31.84 -11.06
N TYR B 192 3.37 30.67 -11.07
CA TYR B 192 2.92 29.53 -10.28
C TYR B 192 4.06 29.06 -9.41
N THR B 193 3.85 29.04 -8.09
CA THR B 193 4.87 28.55 -7.17
C THR B 193 4.26 27.72 -6.05
N CYS B 194 5.04 26.74 -5.61
CA CYS B 194 4.70 25.95 -4.44
C CYS B 194 5.78 26.25 -3.41
N GLU B 195 5.36 26.45 -2.17
CA GLU B 195 6.26 26.75 -1.06
C GLU B 195 6.13 25.67 0.01
N ALA B 196 7.24 25.04 0.35
CA ALA B 196 7.27 23.99 1.36
C ALA B 196 7.78 24.58 2.67
N THR B 197 6.97 24.48 3.72
CA THR B 197 7.42 24.85 5.07
C THR B 197 7.53 23.60 5.96
N HIS B 198 8.68 23.47 6.58
CA HIS B 198 9.06 22.27 7.30
C HIS B 198 9.92 22.68 8.48
N LYS B 199 9.93 21.91 9.57
CA LYS B 199 10.77 22.30 10.73
C LYS B 199 12.27 22.44 10.43
N THR B 200 12.77 21.90 9.34
CA THR B 200 14.20 22.02 9.03
C THR B 200 14.67 23.37 8.53
N SER B 201 13.77 24.34 8.39
CA SER B 201 14.17 25.65 7.89
C SER B 201 13.25 26.74 8.35
N THR B 202 13.84 27.90 8.66
CA THR B 202 13.06 29.04 9.14
C THR B 202 12.27 29.69 8.00
N SER B 203 12.75 29.53 6.77
CA SER B 203 12.07 30.07 5.61
C SER B 203 11.70 28.95 4.63
N PRO B 204 10.65 29.18 3.82
CA PRO B 204 10.13 28.11 2.99
C PRO B 204 11.07 27.72 1.84
N ILE B 205 11.02 26.48 1.41
CA ILE B 205 11.69 26.05 0.20
C ILE B 205 10.71 26.27 -0.92
N VAL B 206 11.17 26.93 -1.98
CA VAL B 206 10.29 27.42 -3.03
C VAL B 206 10.76 27.01 -4.40
N LYS B 207 9.81 26.67 -5.26
CA LYS B 207 10.06 26.45 -6.67
C LYS B 207 8.96 27.15 -7.41
N SER B 208 9.30 27.72 -8.56
CA SER B 208 8.33 28.48 -9.34
C SER B 208 8.58 28.39 -10.83
N PHE B 209 7.52 28.59 -11.61
CA PHE B 209 7.66 28.82 -13.06
C PHE B 209 6.73 29.94 -13.49
N ASN B 210 6.97 30.46 -14.68
CA ASN B 210 6.08 31.42 -15.33
C ASN B 210 5.45 30.84 -16.59
N ARG B 211 4.13 30.92 -16.65
CA ARG B 211 3.37 30.31 -17.72
C ARG B 211 3.84 30.80 -19.10
N ASN B 212 4.03 32.10 -19.26
CA ASN B 212 4.42 32.64 -20.57
C ASN B 212 5.88 32.38 -21.01
N GLU B 213 6.68 31.80 -20.12
CA GLU B 213 8.02 31.32 -20.49
C GLU B 213 8.09 29.79 -20.59
N CYS B 214 6.94 29.11 -20.55
CA CYS B 214 6.83 27.65 -20.60
CA CYS B 214 6.89 27.65 -20.65
C CYS B 214 5.87 27.21 -21.70
C1 GP1 C . 4.91 -30.81 8.60
C2 GP1 C . 5.16 -32.33 8.58
C3 GP1 C . 4.57 -32.92 7.44
C4 GP1 C . 3.21 -32.59 7.28
C5 GP1 C . 2.98 -31.06 7.29
C6 GP1 C . 1.53 -30.72 7.21
N2 GP1 C . 6.61 -32.60 8.64
O1 GP1 C . 5.64 -30.28 7.60
O3 GP1 C . 4.72 -34.40 7.57
O4 GP1 C . 2.67 -33.15 6.09
O6 GP1 C . 0.75 -31.34 8.21
O5 GP1 C . 3.57 -30.47 8.41
O7B GP1 C . 4.97 -27.84 7.33
P4B GP1 C . 6.08 -28.81 7.60
O8B GP1 C . 6.73 -28.46 8.95
O9B GP1 C . 7.10 -28.73 6.48
N2 Z9M C . -0.66 -33.49 9.10
P1 Z9M C . -5.48 -29.85 10.18
O6 Z9M C . -2.22 -27.52 7.37
O3 Z9M C . -3.11 -32.77 10.42
C1 Z9M C . -0.61 -31.26 8.20
O4 Z9M C . -4.55 -30.60 9.15
C2 Z9M C . -1.19 -32.10 9.28
O5 Z9M C . -1.05 -29.90 8.42
C3 Z9M C . -2.63 -32.03 9.28
O9 Z9M C . -6.64 -29.23 9.37
C4 Z9M C . -3.13 -30.65 9.35
O7 Z9M C . -4.76 -28.77 10.96
C5 Z9M C . -2.43 -29.79 8.29
O8 Z9M C . -6.05 -30.87 11.15
C6 Z9M C . -2.77 -28.33 8.35
C5 PG0 D . 0.36 -1.46 5.25
O2 PG0 D . -1.01 -1.60 5.59
C4 PG0 D . -1.33 -1.71 6.98
C3 PG0 D . -2.85 -1.62 7.13
O1 PG0 D . -3.36 -1.55 8.48
C2 PG0 D . -3.15 -0.37 9.20
C1 PG0 D . -3.78 -0.48 10.58
OTT PG0 D . -3.39 0.64 11.38
C5 PG0 E . -9.89 -5.75 14.70
O2 PG0 E . -9.86 -6.36 13.44
C4 PG0 E . -10.82 -5.77 12.61
C3 PG0 E . -10.98 -6.61 11.40
O1 PG0 E . -12.12 -6.15 10.72
C2 PG0 E . -13.19 -7.06 10.71
C1 PG0 E . -14.50 -6.34 10.75
OTT PG0 E . -15.48 -7.27 11.20
C5 PG0 F . 14.04 -6.04 30.08
O2 PG0 F . 13.18 -6.10 28.94
C4 PG0 F . 12.14 -7.04 28.99
C3 PG0 F . 11.58 -7.33 27.60
O1 PG0 F . 11.70 -8.67 27.09
C2 PG0 F . 13.02 -8.96 26.67
C1 PG0 F . 13.12 -9.98 25.56
OTT PG0 F . 14.42 -10.59 25.52
C5 PG0 G . -1.26 12.81 6.78
O2 PG0 G . -0.02 13.45 7.03
C4 PG0 G . 0.07 14.09 8.28
C3 PG0 G . 1.40 13.86 8.92
O1 PG0 G . 1.21 13.31 10.21
C2 PG0 G . 2.38 12.86 10.90
C1 PG0 G . 2.30 11.43 11.38
OTT PG0 G . 3.58 10.99 11.84
#